data_7AG0
#
_entry.id   7AG0
#
_cell.length_a   103.310
_cell.length_b   103.310
_cell.length_c   170.130
_cell.angle_alpha   90.000
_cell.angle_beta   90.000
_cell.angle_gamma   120.000
#
_symmetry.space_group_name_H-M   'P 61 2 2'
#
loop_
_entity.id
_entity.type
_entity.pdbx_description
1 polymer Noggin
2 polymer 'Bone morphogenetic protein 2'
3 non-polymer GLYCEROL
4 water water
#
loop_
_entity_poly.entity_id
_entity_poly.type
_entity_poly.pdbx_seq_one_letter_code
_entity_poly.pdbx_strand_id
1 'polypeptide(L)'
;MQHYLHIRPAPSDNLPLVDLIEHPDPIFDPKEKDLNETLLRSLLGGHYDPGFMATSPPEDRPGGGGGAAGGAEDLAELDQ
LLRQRPSGAMPSEIKGLEFSEGLAQGKKQRLSKKLRRKLQMWLWSQTFCPVLYAWNDLGSRFWPRYVKVGSCFSKRSCSV
PEGMVCKPSKSVHLTVLRWRCQRRGGQRCGWIPIQYPIISECKCSC
;
A
2 'polypeptide(L)'
;QAKHKQRKRLKSSCKRHPLYVDFSDVGWNDWIVAPPGYHAFYCHGECPFPLADHLNSTNHAIVQTLVNSVNSKIPKACCV
PTELSAISMLYLDENEKVVLKNYQDMVVEGCGCR
;
B
#
loop_
_chem_comp.id
_chem_comp.type
_chem_comp.name
_chem_comp.formula
GOL non-polymer GLYCEROL 'C3 H8 O3'
#
# COMPACT_ATOMS: atom_id res chain seq x y z
N LEU A 5 -14.68 16.62 0.82
CA LEU A 5 -13.33 16.99 0.42
C LEU A 5 -12.30 16.04 1.02
N HIS A 6 -11.46 16.56 1.93
CA HIS A 6 -10.43 15.77 2.56
C HIS A 6 -10.96 15.02 3.78
N ILE A 7 -12.06 14.29 3.62
CA ILE A 7 -12.64 13.58 4.75
C ILE A 7 -11.72 12.46 5.22
N ARG A 8 -11.01 11.81 4.31
CA ARG A 8 -10.28 10.58 4.62
C ARG A 8 -9.14 10.45 3.63
N PRO A 9 -8.26 9.46 3.83
CA PRO A 9 -7.15 9.27 2.91
C PRO A 9 -7.62 8.84 1.53
N ALA A 10 -6.80 9.14 0.54
CA ALA A 10 -7.11 8.79 -0.85
C ALA A 10 -6.32 7.55 -1.25
N PRO A 11 -6.97 6.56 -1.84
CA PRO A 11 -6.26 5.33 -2.23
C PRO A 11 -5.35 5.53 -3.42
N SER A 12 -4.90 4.43 -4.00
CA SER A 12 -3.94 4.47 -5.11
C SER A 12 -4.10 3.23 -5.96
N ASP A 13 -4.00 3.41 -7.27
CA ASP A 13 -4.07 2.30 -8.22
C ASP A 13 -2.72 1.67 -8.50
N ASN A 14 -1.71 1.96 -7.67
CA ASN A 14 -0.39 1.38 -7.87
C ASN A 14 -0.38 -0.08 -7.44
N LEU A 15 0.22 -0.92 -8.28
CA LEU A 15 0.39 -2.33 -8.02
C LEU A 15 1.86 -2.68 -8.20
N PRO A 16 2.30 -3.83 -7.65
CA PRO A 16 1.46 -4.76 -6.90
C PRO A 16 0.98 -4.20 -5.56
N LEU A 17 0.47 -5.07 -4.70
CA LEU A 17 -0.21 -4.66 -3.48
C LEU A 17 0.71 -4.84 -2.28
N VAL A 18 0.84 -3.80 -1.47
CA VAL A 18 1.61 -3.90 -0.24
C VAL A 18 0.94 -4.90 0.70
N ASP A 19 1.74 -5.80 1.27
CA ASP A 19 1.20 -6.81 2.16
C ASP A 19 0.39 -6.17 3.28
N LEU A 20 -0.85 -6.63 3.44
CA LEU A 20 -1.72 -6.12 4.48
C LEU A 20 -1.22 -6.56 5.85
N ILE A 21 -1.19 -5.62 6.80
CA ILE A 21 -0.70 -5.91 8.13
C ILE A 21 -1.77 -6.65 8.92
N GLU A 22 -1.35 -7.58 9.77
CA GLU A 22 -2.28 -8.37 10.57
C GLU A 22 -1.54 -8.94 11.77
N HIS A 23 -2.09 -8.69 12.97
CA HIS A 23 -1.59 -9.35 14.16
C HIS A 23 -2.46 -10.58 14.43
N PRO A 24 -1.99 -11.78 14.15
CA PRO A 24 -2.85 -12.97 14.27
C PRO A 24 -3.23 -13.23 15.73
N ASP A 25 -4.20 -14.12 15.89
CA ASP A 25 -4.71 -14.46 17.21
C ASP A 25 -5.88 -15.43 17.08
N PRO A 26 -5.74 -16.68 17.53
CA PRO A 26 -6.87 -17.62 17.49
C PRO A 26 -8.15 -17.01 18.04
N ILE A 27 -8.76 -16.18 17.22
CA ILE A 27 -9.94 -15.38 17.54
C ILE A 27 -10.16 -14.47 16.35
N PHE A 28 -9.08 -13.83 15.89
CA PHE A 28 -9.03 -13.24 14.56
C PHE A 28 -8.69 -14.27 13.49
N ASP A 29 -8.77 -15.56 13.83
CA ASP A 29 -8.46 -16.67 12.93
C ASP A 29 -9.63 -17.64 12.90
N PRO A 30 -10.00 -18.13 11.71
CA PRO A 30 -11.04 -19.15 11.64
C PRO A 30 -10.71 -20.36 12.51
N LYS A 31 -11.74 -21.17 12.74
CA LYS A 31 -11.70 -22.20 13.77
C LYS A 31 -12.13 -23.56 13.22
N GLU A 32 -11.51 -23.96 12.11
CA GLU A 32 -11.68 -25.33 11.62
C GLU A 32 -13.13 -25.64 11.24
N LYS A 33 -14.01 -25.70 12.23
CA LYS A 33 -15.42 -25.99 11.96
C LYS A 33 -15.94 -25.12 10.82
N ASP A 34 -15.62 -23.83 10.85
CA ASP A 34 -15.93 -22.89 9.78
C ASP A 34 -14.88 -22.89 8.69
N LEU A 35 -14.29 -24.06 8.41
CA LEU A 35 -13.24 -24.19 7.40
C LEU A 35 -13.59 -25.24 6.35
N ASN A 36 -14.79 -25.82 6.40
CA ASN A 36 -15.18 -26.88 5.50
C ASN A 36 -15.04 -26.45 4.04
N GLU A 37 -13.97 -26.91 3.38
CA GLU A 37 -13.72 -26.51 2.00
C GLU A 37 -14.92 -26.77 1.11
N THR A 38 -15.69 -27.82 1.38
CA THR A 38 -16.89 -28.09 0.59
C THR A 38 -17.85 -26.91 0.66
N LEU A 39 -18.14 -26.42 1.87
CA LEU A 39 -19.04 -25.28 2.01
C LEU A 39 -18.36 -23.97 1.61
N LEU A 40 -17.05 -23.87 1.82
CA LEU A 40 -16.34 -22.68 1.37
C LEU A 40 -16.38 -22.57 -0.14
N ARG A 41 -15.99 -23.63 -0.85
CA ARG A 41 -15.99 -23.60 -2.31
C ARG A 41 -17.36 -23.18 -2.84
N SER A 42 -18.43 -23.57 -2.16
CA SER A 42 -19.77 -23.21 -2.60
C SER A 42 -20.05 -21.73 -2.37
N LEU A 43 -19.56 -21.19 -1.25
CA LEU A 43 -19.80 -19.78 -0.96
C LEU A 43 -19.09 -18.87 -1.96
N LEU A 44 -17.92 -19.28 -2.44
CA LEU A 44 -17.24 -18.53 -3.49
C LEU A 44 -17.83 -18.86 -4.85
N GLY A 45 -17.83 -20.15 -5.21
CA GLY A 45 -18.48 -20.59 -6.43
C GLY A 45 -17.87 -20.02 -7.69
N GLY A 46 -18.68 -19.32 -8.50
CA GLY A 46 -18.20 -18.81 -9.78
C GLY A 46 -17.02 -17.87 -9.66
N HIS A 47 -16.83 -17.25 -8.50
CA HIS A 47 -15.69 -16.36 -8.31
C HIS A 47 -14.38 -17.12 -8.21
N TYR A 48 -14.42 -18.40 -7.90
CA TYR A 48 -13.20 -19.20 -7.82
C TYR A 48 -12.54 -19.27 -9.19
N ASP A 49 -11.31 -18.75 -9.27
CA ASP A 49 -10.55 -18.74 -10.52
C ASP A 49 -9.39 -19.70 -10.39
N PRO A 50 -9.51 -20.95 -10.87
CA PRO A 50 -8.43 -21.92 -10.67
C PRO A 50 -7.10 -21.48 -11.27
N GLY A 51 -7.13 -20.68 -12.34
CA GLY A 51 -5.89 -20.21 -12.93
C GLY A 51 -5.07 -19.33 -12.01
N PHE A 52 -5.70 -18.76 -10.98
CA PHE A 52 -5.03 -17.84 -10.07
C PHE A 52 -5.22 -18.20 -8.60
N MET A 53 -5.86 -19.32 -8.29
CA MET A 53 -6.12 -19.70 -6.92
C MET A 53 -5.81 -21.17 -6.73
N ALA A 54 -5.51 -21.55 -5.49
CA ALA A 54 -5.16 -22.92 -5.17
C ALA A 54 -5.60 -23.22 -3.74
N THR A 55 -6.34 -24.33 -3.57
CA THR A 55 -6.75 -24.74 -2.23
C THR A 55 -5.54 -24.96 -1.33
N SER A 56 -4.59 -25.76 -1.79
CA SER A 56 -3.36 -26.06 -1.08
C SER A 56 -2.16 -25.44 -1.79
N PRO A 57 -1.01 -25.37 -1.13
CA PRO A 57 0.15 -24.69 -1.72
C PRO A 57 0.67 -25.44 -2.93
N PRO A 58 0.83 -24.75 -4.07
CA PRO A 58 1.33 -25.35 -5.31
C PRO A 58 2.72 -25.95 -5.16
N ARG A 116 -4.28 4.20 -33.18
CA ARG A 116 -3.17 4.66 -34.00
C ARG A 116 -1.84 4.22 -33.39
N ARG A 117 -0.99 5.20 -33.06
CA ARG A 117 0.31 4.89 -32.47
C ARG A 117 0.15 4.23 -31.09
N LYS A 118 -0.93 4.53 -30.38
CA LYS A 118 -1.14 3.91 -29.08
C LYS A 118 -1.13 2.39 -29.18
N LEU A 119 -1.52 1.84 -30.33
CA LEU A 119 -1.40 0.41 -30.55
C LEU A 119 0.07 -0.02 -30.53
N GLN A 120 0.94 0.75 -31.18
CA GLN A 120 2.35 0.39 -31.24
C GLN A 120 2.95 0.30 -29.84
N MET A 121 2.63 1.27 -28.97
CA MET A 121 3.07 1.18 -27.58
C MET A 121 2.57 -0.11 -26.94
N TRP A 122 1.32 -0.48 -27.22
CA TRP A 122 0.75 -1.67 -26.60
C TRP A 122 1.44 -2.94 -27.08
N LEU A 123 1.47 -3.15 -28.40
CA LEU A 123 2.11 -4.35 -28.94
C LEU A 123 3.57 -4.43 -28.49
N TRP A 124 4.26 -3.29 -28.45
CA TRP A 124 5.64 -3.28 -27.97
C TRP A 124 5.73 -3.70 -26.51
N SER A 125 5.00 -3.00 -25.64
CA SER A 125 5.06 -3.30 -24.20
C SER A 125 4.69 -4.75 -23.93
N GLN A 126 3.64 -5.25 -24.59
CA GLN A 126 3.25 -6.64 -24.38
C GLN A 126 4.34 -7.61 -24.78
N THR A 127 5.28 -7.18 -25.64
CA THR A 127 6.36 -8.04 -26.08
C THR A 127 7.54 -8.02 -25.12
N PHE A 128 7.96 -6.82 -24.70
CA PHE A 128 9.13 -6.67 -23.83
C PHE A 128 8.77 -6.47 -22.37
N CYS A 129 7.48 -6.25 -22.05
CA CYS A 129 7.03 -6.06 -20.67
C CYS A 129 5.94 -7.07 -20.35
N PRO A 130 6.27 -8.36 -20.34
CA PRO A 130 5.27 -9.37 -19.99
C PRO A 130 5.06 -9.43 -18.48
N VAL A 131 3.87 -9.87 -18.09
CA VAL A 131 3.52 -10.00 -16.69
C VAL A 131 4.09 -11.30 -16.15
N LEU A 132 4.80 -11.21 -15.03
CA LEU A 132 5.39 -12.36 -14.37
C LEU A 132 4.58 -12.71 -13.14
N TYR A 133 4.24 -13.98 -12.99
CA TYR A 133 3.36 -14.44 -11.92
C TYR A 133 4.12 -15.32 -10.94
N ALA A 134 3.85 -15.12 -9.66
CA ALA A 134 4.47 -15.91 -8.59
C ALA A 134 3.43 -16.17 -7.52
N TRP A 135 3.20 -17.44 -7.20
CA TRP A 135 2.23 -17.77 -6.16
C TRP A 135 2.60 -17.08 -4.85
N ASN A 136 1.58 -16.55 -4.17
CA ASN A 136 1.78 -15.77 -2.96
C ASN A 136 0.82 -16.24 -1.89
N ASP A 137 1.34 -16.45 -0.69
CA ASP A 137 0.53 -16.92 0.44
C ASP A 137 -0.12 -15.74 1.13
N LEU A 138 -1.44 -15.78 1.28
CA LEU A 138 -2.20 -14.68 1.85
C LEU A 138 -2.54 -14.87 3.31
N GLY A 139 -2.23 -16.03 3.89
CA GLY A 139 -2.51 -16.27 5.30
C GLY A 139 -3.76 -17.09 5.51
N SER A 140 -4.16 -17.18 6.78
CA SER A 140 -5.31 -18.00 7.17
C SER A 140 -6.63 -17.23 7.09
N ARG A 141 -6.60 -15.90 7.20
CA ARG A 141 -7.82 -15.11 7.14
C ARG A 141 -8.33 -14.89 5.72
N PHE A 142 -7.75 -15.57 4.73
CA PHE A 142 -8.20 -15.51 3.35
C PHE A 142 -8.51 -16.90 2.83
N TRP A 143 -9.44 -16.99 1.88
CA TRP A 143 -9.75 -18.25 1.25
C TRP A 143 -10.17 -17.98 -0.20
N PRO A 144 -9.51 -18.61 -1.19
CA PRO A 144 -8.38 -19.54 -1.03
C PRO A 144 -7.17 -18.88 -0.38
N ARG A 145 -6.22 -19.69 0.08
CA ARG A 145 -5.06 -19.20 0.81
C ARG A 145 -3.91 -18.79 -0.09
N TYR A 146 -3.87 -19.27 -1.33
CA TYR A 146 -2.75 -19.03 -2.23
C TYR A 146 -3.26 -18.40 -3.53
N VAL A 147 -2.64 -17.29 -3.92
CA VAL A 147 -3.09 -16.49 -5.06
C VAL A 147 -1.88 -16.17 -5.93
N LYS A 148 -1.98 -16.48 -7.21
CA LYS A 148 -0.91 -16.16 -8.15
C LYS A 148 -0.92 -14.67 -8.42
N VAL A 149 0.13 -13.97 -8.02
CA VAL A 149 0.23 -12.52 -8.18
C VAL A 149 1.18 -12.21 -9.32
N GLY A 150 0.88 -11.16 -10.07
CA GLY A 150 1.68 -10.74 -11.20
C GLY A 150 2.57 -9.56 -10.88
N SER A 151 3.65 -9.44 -11.66
CA SER A 151 4.58 -8.33 -11.52
C SER A 151 5.30 -8.10 -12.84
N CYS A 152 5.86 -6.91 -13.00
CA CYS A 152 6.53 -6.52 -14.23
C CYS A 152 8.04 -6.71 -14.12
N PHE A 153 8.67 -6.95 -15.27
CA PHE A 153 10.10 -7.29 -15.34
C PHE A 153 10.90 -6.01 -15.46
N SER A 154 11.14 -5.38 -14.31
CA SER A 154 11.93 -4.15 -14.24
C SER A 154 13.42 -4.43 -14.12
N LYS A 155 13.92 -5.44 -14.83
CA LYS A 155 15.33 -5.80 -14.77
C LYS A 155 16.13 -5.02 -15.81
N ARG A 156 16.01 -5.42 -17.08
CA ARG A 156 16.64 -4.71 -18.17
C ARG A 156 15.70 -3.64 -18.72
N SER A 157 16.28 -2.59 -19.27
CA SER A 157 15.48 -1.51 -19.84
C SER A 157 14.67 -2.02 -21.02
N CYS A 158 13.43 -1.55 -21.12
CA CYS A 158 12.51 -1.99 -22.15
C CYS A 158 12.51 -1.09 -23.38
N SER A 159 13.17 0.06 -23.34
CA SER A 159 13.16 1.02 -24.43
C SER A 159 14.54 1.18 -25.03
N VAL A 160 14.61 1.94 -26.11
CA VAL A 160 15.88 2.33 -26.72
C VAL A 160 15.76 3.78 -27.19
N PRO A 161 16.69 4.66 -26.79
CA PRO A 161 17.82 4.31 -25.95
C PRO A 161 17.40 3.88 -24.55
N GLU A 162 18.20 3.03 -23.90
CA GLU A 162 17.88 2.56 -22.57
C GLU A 162 17.51 3.73 -21.66
N GLY A 163 16.43 3.55 -20.90
CA GLY A 163 15.95 4.59 -20.01
C GLY A 163 14.65 4.22 -19.33
N MET A 164 13.71 3.68 -20.09
CA MET A 164 12.43 3.25 -19.54
C MET A 164 12.52 1.83 -19.02
N VAL A 165 11.53 1.45 -18.21
CA VAL A 165 11.46 0.11 -17.63
C VAL A 165 9.99 -0.31 -17.61
N CYS A 166 9.77 -1.57 -17.23
CA CYS A 166 8.44 -2.15 -17.26
C CYS A 166 7.67 -1.79 -16.00
N LYS A 167 6.51 -1.16 -16.18
CA LYS A 167 5.63 -0.75 -15.10
C LYS A 167 4.22 -1.23 -15.37
N PRO A 168 3.47 -1.58 -14.32
CA PRO A 168 2.09 -2.02 -14.52
C PRO A 168 1.26 -0.95 -15.21
N SER A 169 0.32 -1.41 -16.04
CA SER A 169 -0.56 -0.50 -16.76
C SER A 169 -2.04 -0.86 -16.69
N LYS A 170 -2.39 -2.07 -16.28
CA LYS A 170 -3.78 -2.49 -16.22
C LYS A 170 -3.93 -3.60 -15.19
N SER A 171 -4.91 -3.45 -14.31
CA SER A 171 -5.16 -4.39 -13.22
C SER A 171 -6.42 -5.21 -13.49
N VAL A 172 -6.62 -6.22 -12.65
CA VAL A 172 -7.77 -7.12 -12.73
C VAL A 172 -8.16 -7.54 -11.32
N HIS A 173 -9.45 -7.44 -11.01
CA HIS A 173 -9.94 -7.67 -9.67
C HIS A 173 -10.39 -9.12 -9.52
N LEU A 174 -9.76 -9.85 -8.61
CA LEU A 174 -10.21 -11.18 -8.21
C LEU A 174 -11.05 -11.07 -6.94
N THR A 175 -11.96 -12.02 -6.78
CA THR A 175 -12.83 -12.07 -5.61
C THR A 175 -12.49 -13.29 -4.78
N VAL A 176 -12.17 -13.08 -3.51
CA VAL A 176 -11.80 -14.14 -2.59
C VAL A 176 -12.47 -13.88 -1.24
N LEU A 177 -12.47 -14.90 -0.40
CA LEU A 177 -13.11 -14.83 0.91
C LEU A 177 -12.17 -14.24 1.94
N ARG A 178 -12.76 -13.50 2.89
CA ARG A 178 -12.00 -12.86 3.95
C ARG A 178 -12.68 -13.14 5.28
N TRP A 179 -11.90 -13.52 6.29
CA TRP A 179 -12.41 -13.81 7.62
C TRP A 179 -12.30 -12.54 8.46
N ARG A 180 -13.45 -11.95 8.80
CA ARG A 180 -13.50 -10.73 9.59
C ARG A 180 -14.32 -10.95 10.86
N CYS A 181 -13.98 -10.20 11.90
CA CYS A 181 -14.68 -10.26 13.17
C CYS A 181 -15.15 -8.85 13.56
N GLN A 182 -15.84 -8.76 14.68
CA GLN A 182 -16.41 -7.49 15.14
C GLN A 182 -15.30 -6.46 15.39
N ARG A 188 -20.54 -12.08 14.65
CA ARG A 188 -19.30 -11.81 15.37
C ARG A 188 -18.09 -12.07 14.49
N CYS A 189 -18.09 -13.21 13.80
CA CYS A 189 -17.04 -13.54 12.86
C CYS A 189 -17.63 -14.36 11.71
N GLY A 190 -17.06 -14.19 10.53
CA GLY A 190 -17.52 -14.94 9.37
C GLY A 190 -16.74 -14.56 8.12
N TRP A 191 -16.95 -15.35 7.08
CA TRP A 191 -16.31 -15.11 5.79
C TRP A 191 -17.08 -14.07 4.98
N ILE A 192 -16.35 -13.26 4.22
CA ILE A 192 -16.95 -12.29 3.32
C ILE A 192 -16.11 -12.18 2.06
N PRO A 193 -16.71 -11.75 0.96
CA PRO A 193 -15.98 -11.65 -0.31
C PRO A 193 -15.39 -10.26 -0.51
N ILE A 194 -14.17 -10.23 -1.03
CA ILE A 194 -13.46 -8.98 -1.26
C ILE A 194 -12.80 -9.03 -2.63
N GLN A 195 -12.51 -7.85 -3.17
CA GLN A 195 -11.82 -7.73 -4.44
C GLN A 195 -10.31 -7.64 -4.17
N TYR A 196 -9.56 -8.55 -4.78
CA TYR A 196 -8.11 -8.56 -4.68
C TYR A 196 -7.52 -8.22 -6.04
N PRO A 197 -6.88 -7.06 -6.19
CA PRO A 197 -6.38 -6.67 -7.52
C PRO A 197 -5.10 -7.40 -7.89
N ILE A 198 -5.02 -7.80 -9.16
CA ILE A 198 -3.81 -8.37 -9.73
C ILE A 198 -3.52 -7.67 -11.05
N ILE A 199 -2.34 -7.96 -11.60
CA ILE A 199 -1.85 -7.26 -12.79
C ILE A 199 -2.09 -8.12 -14.01
N SER A 200 -2.44 -7.46 -15.12
CA SER A 200 -2.67 -8.14 -16.39
C SER A 200 -1.90 -7.53 -17.55
N GLU A 201 -1.38 -6.31 -17.43
CA GLU A 201 -0.58 -5.69 -18.48
C GLU A 201 0.52 -4.85 -17.84
N CYS A 202 1.69 -4.84 -18.49
CA CYS A 202 2.79 -3.98 -18.11
C CYS A 202 3.07 -2.98 -19.21
N LYS A 203 3.32 -1.74 -18.83
CA LYS A 203 3.64 -0.68 -19.78
C LYS A 203 5.14 -0.38 -19.70
N CYS A 204 5.73 -0.11 -20.86
CA CYS A 204 7.13 0.31 -20.93
C CYS A 204 7.14 1.84 -20.81
N SER A 205 7.20 2.32 -19.57
CA SER A 205 7.17 3.74 -19.28
C SER A 205 8.36 4.10 -18.41
N CYS A 206 8.51 5.41 -18.15
CA CYS A 206 9.54 5.89 -17.25
C CYS A 206 8.99 7.09 -16.47
N LEU B 10 10.07 18.63 24.76
CA LEU B 10 10.84 17.90 23.76
C LEU B 10 11.65 18.86 22.89
N LYS B 11 12.90 19.10 23.30
CA LYS B 11 13.78 20.04 22.61
C LYS B 11 14.82 19.34 21.74
N SER B 12 14.68 18.03 21.52
CA SER B 12 15.61 17.30 20.67
C SER B 12 15.56 17.85 19.24
N SER B 13 16.42 17.34 18.37
CA SER B 13 16.44 17.79 16.99
C SER B 13 15.41 17.04 16.16
N CYS B 14 15.27 17.47 14.91
CA CYS B 14 14.31 16.87 13.97
C CYS B 14 14.56 15.39 13.79
N LYS B 15 13.64 14.56 14.27
CA LYS B 15 13.75 13.11 14.15
C LYS B 15 12.35 12.52 14.10
N ARG B 16 12.28 11.25 13.71
CA ARG B 16 11.00 10.56 13.65
C ARG B 16 10.61 10.02 15.01
N HIS B 17 9.33 10.17 15.36
CA HIS B 17 8.78 9.67 16.60
C HIS B 17 7.73 8.59 16.33
N PRO B 18 7.46 7.72 17.29
CA PRO B 18 6.48 6.66 17.08
C PRO B 18 5.06 7.21 17.04
N LEU B 19 4.16 6.39 16.49
CA LEU B 19 2.74 6.75 16.44
C LEU B 19 1.93 5.66 15.75
N TYR B 20 1.18 4.89 16.54
CA TYR B 20 0.25 3.92 15.99
C TYR B 20 -1.14 4.54 15.94
N VAL B 21 -1.79 4.43 14.78
CA VAL B 21 -3.11 5.00 14.58
C VAL B 21 -4.12 3.86 14.62
N ASP B 22 -5.06 3.95 15.56
CA ASP B 22 -6.14 2.98 15.67
C ASP B 22 -7.38 3.56 14.98
N PHE B 23 -7.79 2.93 13.89
CA PHE B 23 -8.86 3.50 13.07
C PHE B 23 -10.15 3.69 13.88
N SER B 24 -10.44 2.77 14.79
CA SER B 24 -11.65 2.88 15.59
C SER B 24 -11.60 4.07 16.53
N ASP B 25 -10.40 4.50 16.92
CA ASP B 25 -10.27 5.68 17.77
C ASP B 25 -10.51 6.98 17.02
N VAL B 26 -10.48 6.94 15.69
CA VAL B 26 -10.72 8.12 14.86
C VAL B 26 -12.03 8.04 14.12
N GLY B 27 -12.82 6.99 14.32
CA GLY B 27 -14.06 6.85 13.60
C GLY B 27 -13.90 6.41 12.17
N TRP B 28 -12.83 5.68 11.86
CA TRP B 28 -12.62 5.14 10.52
C TRP B 28 -12.95 3.66 10.41
N ASN B 29 -13.22 2.99 11.53
CA ASN B 29 -13.58 1.57 11.48
C ASN B 29 -14.93 1.33 10.82
N ASP B 30 -15.64 2.38 10.42
CA ASP B 30 -16.90 2.22 9.71
C ASP B 30 -16.70 2.06 8.21
N TRP B 31 -15.52 2.42 7.69
CA TRP B 31 -15.22 2.23 6.28
C TRP B 31 -13.93 1.45 6.03
N ILE B 32 -13.08 1.29 7.03
CA ILE B 32 -11.83 0.55 6.92
C ILE B 32 -12.05 -0.81 7.58
N VAL B 33 -12.05 -1.87 6.77
CA VAL B 33 -12.29 -3.21 7.32
C VAL B 33 -11.03 -3.78 7.93
N ALA B 34 -9.86 -3.48 7.34
CA ALA B 34 -8.60 -3.98 7.85
C ALA B 34 -7.48 -3.16 7.26
N PRO B 35 -6.38 -2.94 7.99
CA PRO B 35 -6.23 -3.45 9.36
C PRO B 35 -6.97 -2.57 10.38
N PRO B 36 -6.85 -2.91 11.66
CA PRO B 36 -7.43 -2.06 12.72
C PRO B 36 -6.64 -0.78 12.95
N GLY B 37 -5.57 -0.56 12.22
CA GLY B 37 -4.66 0.55 12.46
C GLY B 37 -3.25 0.18 12.07
N TYR B 38 -2.40 1.19 12.02
CA TYR B 38 -1.03 1.00 11.54
C TYR B 38 -0.11 1.99 12.22
N HIS B 39 1.19 1.77 12.04
CA HIS B 39 2.23 2.66 12.57
C HIS B 39 2.51 3.74 11.53
N ALA B 40 2.02 4.96 11.80
CA ALA B 40 2.24 6.07 10.89
C ALA B 40 3.46 6.91 11.26
N PHE B 41 3.84 6.91 12.54
CA PHE B 41 4.95 7.73 13.01
C PHE B 41 4.64 9.20 12.80
N TYR B 42 5.60 10.06 13.14
CA TYR B 42 5.45 11.48 12.87
C TYR B 42 6.78 12.15 13.16
N CYS B 43 7.00 13.28 12.51
CA CYS B 43 8.22 14.05 12.67
C CYS B 43 8.05 15.12 13.74
N HIS B 44 9.13 15.41 14.44
CA HIS B 44 9.12 16.46 15.45
C HIS B 44 10.55 16.72 15.88
N GLY B 45 10.77 17.92 16.43
CA GLY B 45 12.09 18.40 16.77
C GLY B 45 12.39 19.73 16.09
N GLU B 46 13.46 20.34 16.57
CA GLU B 46 13.84 21.65 16.10
C GLU B 46 14.71 21.56 14.86
N CYS B 47 14.55 22.54 13.98
CA CYS B 47 15.43 22.72 12.83
C CYS B 47 16.38 23.87 13.13
N PRO B 48 17.53 23.60 13.73
CA PRO B 48 18.36 24.67 14.30
C PRO B 48 19.39 25.21 13.31
N PHE B 49 20.00 26.33 13.70
CA PHE B 49 21.11 26.91 12.97
C PHE B 49 22.41 26.47 13.63
N PRO B 50 23.31 25.77 12.91
CA PRO B 50 23.10 25.37 11.53
C PRO B 50 22.38 24.03 11.40
N LEU B 51 22.06 23.63 10.17
CA LEU B 51 21.46 22.33 9.90
C LEU B 51 22.58 21.33 9.68
N ALA B 52 22.74 20.41 10.62
CA ALA B 52 23.87 19.49 10.61
C ALA B 52 23.90 18.65 9.33
N ASP B 53 25.00 17.94 9.15
CA ASP B 53 25.15 17.07 7.99
C ASP B 53 24.01 16.05 7.92
N HIS B 54 23.66 15.45 9.05
CA HIS B 54 22.66 14.38 9.11
C HIS B 54 21.23 14.88 8.89
N LEU B 55 21.00 16.14 8.52
CA LEU B 55 19.66 16.68 8.31
C LEU B 55 19.41 16.87 6.82
N ASN B 56 18.35 16.24 6.32
CA ASN B 56 17.90 16.47 4.95
C ASN B 56 17.19 17.81 4.87
N SER B 57 17.74 18.75 4.09
CA SER B 57 17.19 20.09 4.03
C SER B 57 17.29 20.62 2.61
N THR B 58 16.37 21.49 2.26
CA THR B 58 16.34 22.14 0.96
C THR B 58 17.04 23.49 1.02
N ASN B 59 17.49 23.95 -0.14
CA ASN B 59 18.13 25.27 -0.21
C ASN B 59 17.30 26.32 0.52
N HIS B 60 15.97 26.30 0.34
CA HIS B 60 15.15 27.30 0.99
C HIS B 60 15.18 27.15 2.51
N ALA B 61 15.09 25.92 3.01
CA ALA B 61 15.18 25.70 4.45
C ALA B 61 16.47 26.29 5.00
N ILE B 62 17.59 26.07 4.31
CA ILE B 62 18.86 26.68 4.69
C ILE B 62 18.72 28.20 4.70
N VAL B 63 18.22 28.77 3.61
CA VAL B 63 18.05 30.22 3.52
C VAL B 63 17.15 30.70 4.65
N GLN B 64 16.00 30.06 4.84
CA GLN B 64 15.06 30.50 5.86
C GLN B 64 15.66 30.40 7.26
N THR B 65 16.45 29.36 7.51
CA THR B 65 17.05 29.19 8.84
C THR B 65 17.96 30.37 9.17
N LEU B 66 18.81 30.77 8.22
CA LEU B 66 19.67 31.92 8.46
C LEU B 66 18.86 33.18 8.75
N VAL B 67 17.78 33.39 8.01
CA VAL B 67 16.93 34.55 8.26
C VAL B 67 16.42 34.54 9.69
N ASN B 68 16.01 33.37 10.18
CA ASN B 68 15.53 33.28 11.55
C ASN B 68 16.62 33.62 12.56
N SER B 69 17.88 33.38 12.21
CA SER B 69 18.96 33.69 13.14
C SER B 69 19.18 35.19 13.29
N VAL B 70 18.84 35.97 12.26
CA VAL B 70 19.04 37.41 12.31
C VAL B 70 17.73 38.11 12.66
N ASN B 71 16.61 37.49 12.30
CA ASN B 71 15.29 38.07 12.55
C ASN B 71 14.38 37.00 13.12
N SER B 72 14.10 37.08 14.43
CA SER B 72 13.24 36.10 15.07
C SER B 72 11.81 36.16 14.55
N LYS B 73 11.44 37.25 13.86
CA LYS B 73 10.10 37.34 13.30
C LYS B 73 9.86 36.34 12.19
N ILE B 74 10.93 35.81 11.58
CA ILE B 74 10.81 34.81 10.54
C ILE B 74 10.96 33.43 11.19
N PRO B 75 10.00 32.53 11.02
CA PRO B 75 10.07 31.23 11.70
C PRO B 75 11.14 30.33 11.10
N LYS B 76 11.61 29.40 11.93
CA LYS B 76 12.57 28.41 11.47
C LYS B 76 11.91 27.42 10.51
N ALA B 77 12.75 26.73 9.75
CA ALA B 77 12.25 25.64 8.93
C ALA B 77 11.52 24.63 9.81
N CYS B 78 10.65 23.84 9.20
CA CYS B 78 9.80 22.92 9.92
C CYS B 78 10.26 21.47 9.72
N CYS B 79 10.11 20.67 10.77
CA CYS B 79 10.49 19.26 10.76
C CYS B 79 9.29 18.45 10.27
N VAL B 80 9.34 18.00 9.02
CA VAL B 80 8.23 17.28 8.42
C VAL B 80 8.74 16.01 7.76
N PRO B 81 7.86 15.08 7.39
CA PRO B 81 8.33 13.84 6.74
C PRO B 81 8.95 14.13 5.39
N THR B 82 10.16 13.62 5.19
CA THR B 82 10.86 13.73 3.91
C THR B 82 10.91 12.40 3.17
N GLU B 83 10.37 11.33 3.75
CA GLU B 83 10.32 10.03 3.11
C GLU B 83 9.15 9.26 3.71
N LEU B 84 8.24 8.81 2.85
CA LEU B 84 7.06 8.08 3.29
C LEU B 84 6.93 6.79 2.50
N SER B 85 6.09 5.89 3.03
CA SER B 85 5.80 4.61 2.42
C SER B 85 4.29 4.39 2.43
N ALA B 86 3.86 3.38 1.68
CA ALA B 86 2.45 3.09 1.52
C ALA B 86 2.04 1.88 2.36
N ILE B 87 0.73 1.65 2.39
CA ILE B 87 0.15 0.47 3.03
C ILE B 87 -1.11 0.11 2.28
N SER B 88 -1.43 -1.18 2.24
CA SER B 88 -2.68 -1.64 1.69
C SER B 88 -3.77 -1.59 2.76
N MET B 89 -5.02 -1.44 2.32
CA MET B 89 -6.12 -1.36 3.26
C MET B 89 -7.35 -2.02 2.65
N LEU B 90 -8.04 -2.81 3.48
CA LEU B 90 -9.34 -3.35 3.12
C LEU B 90 -10.41 -2.38 3.59
N TYR B 91 -11.27 -1.96 2.67
CA TYR B 91 -12.25 -0.92 2.96
C TYR B 91 -13.41 -1.07 1.98
N LEU B 92 -14.49 -0.37 2.26
CA LEU B 92 -15.66 -0.36 1.39
C LEU B 92 -15.64 0.91 0.54
N ASP B 93 -15.79 0.74 -0.76
CA ASP B 93 -15.66 1.84 -1.71
C ASP B 93 -16.99 2.57 -1.85
N GLU B 94 -17.07 3.45 -2.85
CA GLU B 94 -18.31 4.19 -3.09
C GLU B 94 -19.39 3.28 -3.65
N ASN B 95 -19.02 2.28 -4.45
CA ASN B 95 -19.96 1.35 -5.06
C ASN B 95 -20.43 0.26 -4.11
N GLU B 96 -20.06 0.33 -2.82
CA GLU B 96 -20.48 -0.62 -1.80
C GLU B 96 -19.73 -1.95 -1.90
N LYS B 97 -18.62 -2.00 -2.62
CA LYS B 97 -17.79 -3.18 -2.71
C LYS B 97 -16.60 -3.04 -1.77
N VAL B 98 -16.29 -4.12 -1.05
CA VAL B 98 -15.14 -4.12 -0.15
C VAL B 98 -13.90 -4.41 -0.99
N VAL B 99 -13.06 -3.40 -1.17
CA VAL B 99 -11.91 -3.50 -2.04
C VAL B 99 -10.64 -3.45 -1.21
N LEU B 100 -9.55 -3.92 -1.82
CA LEU B 100 -8.22 -3.91 -1.21
C LEU B 100 -7.30 -3.11 -2.14
N LYS B 101 -6.82 -1.97 -1.67
CA LYS B 101 -6.00 -1.08 -2.48
C LYS B 101 -4.84 -0.55 -1.65
N ASN B 102 -3.89 0.08 -2.33
CA ASN B 102 -2.73 0.70 -1.70
C ASN B 102 -3.00 2.16 -1.37
N TYR B 103 -2.39 2.62 -0.28
CA TYR B 103 -2.53 4.00 0.17
C TYR B 103 -1.14 4.60 0.34
N GLN B 104 -0.78 5.52 -0.54
CA GLN B 104 0.55 6.12 -0.52
C GLN B 104 0.67 7.13 0.63
N ASP B 105 1.91 7.49 0.93
CA ASP B 105 2.23 8.53 1.90
C ASP B 105 1.50 8.30 3.22
N MET B 106 1.57 7.07 3.71
CA MET B 106 0.90 6.72 4.96
C MET B 106 1.86 6.60 6.14
N VAL B 107 3.03 6.00 5.94
CA VAL B 107 3.98 5.74 7.01
C VAL B 107 5.17 6.67 6.83
N VAL B 108 5.48 7.45 7.87
CA VAL B 108 6.65 8.32 7.83
C VAL B 108 7.90 7.45 7.95
N GLU B 109 8.76 7.52 6.93
CA GLU B 109 10.03 6.80 6.93
C GLU B 109 11.21 7.65 7.36
N GLY B 110 11.21 8.94 7.01
CA GLY B 110 12.29 9.82 7.38
C GLY B 110 11.78 11.23 7.63
N CYS B 111 12.58 11.99 8.36
CA CYS B 111 12.23 13.36 8.72
C CYS B 111 13.31 14.32 8.24
N GLY B 112 12.89 15.54 7.93
CA GLY B 112 13.81 16.56 7.44
C GLY B 112 13.24 17.94 7.69
N CYS B 113 14.02 18.94 7.29
CA CYS B 113 13.68 20.34 7.53
C CYS B 113 13.26 20.99 6.22
N ARG B 114 12.05 21.58 6.23
CA ARG B 114 11.50 22.22 5.04
C ARG B 114 11.00 23.62 5.37
C1 GOL C . -12.73 5.38 -1.67
O1 GOL C . -13.58 5.39 -2.80
C2 GOL C . -13.24 6.45 -0.70
O2 GOL C . -13.53 5.91 0.54
C3 GOL C . -12.12 7.49 -0.67
O3 GOL C . -11.39 7.30 0.53
H11 GOL C . -12.73 4.51 -1.22
H12 GOL C . -11.81 5.56 -1.90
HO1 GOL C . -13.17 4.97 -3.41
H2 GOL C . -14.07 6.85 -1.01
HO2 GOL C . -13.09 5.19 0.63
H31 GOL C . -11.58 7.38 -1.47
H32 GOL C . -12.51 8.37 -0.75
HO3 GOL C . -11.95 7.38 1.16
C1 GOL D . 8.01 27.23 6.85
O1 GOL D . 8.78 26.15 6.35
C2 GOL D . 7.75 26.93 8.32
O2 GOL D . 8.71 27.52 9.14
C3 GOL D . 6.36 27.48 8.60
O3 GOL D . 5.86 26.78 9.73
H11 GOL D . 8.47 28.08 6.77
H12 GOL D . 7.17 27.33 6.38
HO1 GOL D . 9.41 26.48 5.91
H2 GOL D . 7.79 25.98 8.47
HO2 GOL D . 8.32 28.10 9.62
H31 GOL D . 6.42 28.45 8.74
H32 GOL D . 5.81 27.38 7.81
HO3 GOL D . 5.07 26.54 9.53
C1 GOL E . 15.89 40.23 7.88
O1 GOL E . 14.92 39.47 8.56
C2 GOL E . 16.01 39.65 6.47
O2 GOL E . 14.82 39.76 5.76
C3 GOL E . 17.12 40.46 5.82
O3 GOL E . 17.48 39.80 4.64
H11 GOL E . 15.65 41.17 7.82
H12 GOL E . 16.76 40.21 8.31
HO1 GOL E . 14.46 40.02 9.01
H2 GOL E . 16.21 38.71 6.51
HO2 GOL E . 14.26 40.15 6.27
H31 GOL E . 16.81 41.37 5.67
H32 GOL E . 17.86 40.55 6.45
HO3 GOL E . 18.22 40.13 4.38
C1 GOL F . 1.12 -4.96 14.54
O1 GOL F . -0.21 -4.85 14.09
C2 GOL F . 1.32 -3.83 15.56
O2 GOL F . 1.35 -2.59 14.96
C3 GOL F . 2.63 -4.14 16.29
O3 GOL F . 3.59 -4.47 15.32
H11 GOL F . 1.78 -4.86 13.83
H12 GOL F . 1.31 -5.81 14.96
HO1 GOL F . -0.17 -4.38 13.38
H2 GOL F . 0.58 -3.83 16.19
HO2 GOL F . 0.80 -2.09 15.37
H31 GOL F . 2.88 -3.38 16.83
H32 GOL F . 2.47 -4.86 16.93
HO3 GOL F . 4.14 -5.01 15.69
#